data_6OL3
#
_entry.id   6OL3
#
_cell.length_a   100.455
_cell.length_b   100.455
_cell.length_c   130.702
_cell.angle_alpha   90.00
_cell.angle_beta   90.00
_cell.angle_gamma   90.00
#
_symmetry.space_group_name_H-M   'P 41 2 2'
#
loop_
_entity.id
_entity.type
_entity.pdbx_description
1 polymer 'Adenovirus Virus-Associated (VA) RNA I apical and central domains'
2 non-polymer 'POTASSIUM ION'
3 water water
#
_entity_poly.entity_id   1
_entity_poly.type   'polyribonucleotide'
_entity_poly.pdbx_seq_one_letter_code
;GGACCUCGCAAGGGUAUCAUGGCGGACGACCGGGGUUCGAACCCCGGAUCCGGCCGUCCGCCGUGAUCCAUGCGGUUACC
GCCCGCGUGUCGAACCCAGGUGUGCGAGGUCC
;
_entity_poly.pdbx_strand_id   C
#